data_6OQC
#
_entry.id   6OQC
#
_cell.length_a   43.354
_cell.length_b   84.785
_cell.length_c   89.806
_cell.angle_alpha   90.00
_cell.angle_beta   90.00
_cell.angle_gamma   90.00
#
_symmetry.space_group_name_H-M   'P 21 21 21'
#
loop_
_entity.id
_entity.type
_entity.pdbx_description
1 polymer 'Induced myeloid leukemia cell differentiation protein Mcl-1'
2 non-polymer "(4S,7aR,9aR,10S,11E,15R)-6'-chloro-10-hydroxy-15-methyl-3',4',7a,8,9,9a,10,13,14,15-decahydro-2'H,3H,5H-spiro[1,19-(ethanediylidene)-16lambda~6~-cyclobuta[i][1,4]oxazepino[3,4-f][1,2,7]thiadiazacyclohexadecine-4,1'-naphthalene]-16,16,18(7H,17H)-trione"
3 water water
#
_entity_poly.entity_id   1
_entity_poly.type   'polypeptide(L)'
_entity_poly.pdbx_seq_one_letter_code
;EDELYRQSLEIISRYLREQATGAKDTKPMGRSGATSRKALETLRRVGDGVQRNHETAFQGMLRKLDIKNEDDVKSLSRVM
IHVFSDGVTNWGRIVTLISFGAFVAKHLKTINQESCIEPLAESITDVLVRTKRDWLVKQRGWDGFVEFFHVEDLEGG
;
_entity_poly.pdbx_strand_id   A,B
#
loop_
_chem_comp.id
_chem_comp.type
_chem_comp.name
_chem_comp.formula
N0S non-polymer (4S,7aR,9aR,10S,11E,15R)-6'-chloro-10-hydroxy-15-methyl-3',4',7a,8,9,9a,10,13,14,15-decahydro-2'H,3H,5H-spiro[1,19-(ethanediylidene)-16lambda~6~-cyclobuta[i][1,4]oxazepino[3,4-f][1,2,7]thiadiazacyclohexadecine-4,1'-naphthalene]-16,16,18(7H,17H)-trione 'C31 H37 Cl N2 O5 S'
#
# COMPACT_ATOMS: atom_id res chain seq x y z
N GLU A 1 6.92 -30.90 -9.46
CA GLU A 1 5.65 -31.64 -9.18
C GLU A 1 4.48 -30.68 -8.95
N ASP A 2 4.72 -29.65 -8.14
CA ASP A 2 3.81 -28.49 -8.06
C ASP A 2 4.66 -27.24 -7.84
N GLU A 3 5.15 -26.71 -8.95
CA GLU A 3 6.13 -25.63 -8.95
C GLU A 3 5.55 -24.35 -8.39
N LEU A 4 4.31 -24.04 -8.75
CA LEU A 4 3.64 -22.85 -8.22
C LEU A 4 3.45 -22.92 -6.69
N TYR A 5 3.01 -24.05 -6.18
CA TYR A 5 2.91 -24.18 -4.74
C TYR A 5 4.27 -23.99 -4.05
N ARG A 6 5.31 -24.66 -4.56
CA ARG A 6 6.62 -24.63 -3.91
C ARG A 6 7.18 -23.19 -3.87
N GLN A 7 7.04 -22.50 -4.99
CA GLN A 7 7.54 -21.13 -5.10
C GLN A 7 6.73 -20.18 -4.24
N SER A 8 5.41 -20.34 -4.23
CA SER A 8 4.53 -19.54 -3.35
C SER A 8 4.91 -19.72 -1.87
N LEU A 9 5.12 -20.98 -1.46
CA LEU A 9 5.46 -21.25 -0.08
C LEU A 9 6.81 -20.62 0.28
N GLU A 10 7.76 -20.70 -0.62
CA GLU A 10 9.09 -20.11 -0.35
C GLU A 10 9.03 -18.59 -0.16
N ILE A 11 8.29 -17.91 -1.04
CA ILE A 11 8.14 -16.46 -0.99
C ILE A 11 7.43 -16.00 0.28
N ILE A 12 6.30 -16.66 0.56
CA ILE A 12 5.45 -16.32 1.68
C ILE A 12 6.18 -16.63 2.99
N SER A 13 6.71 -17.84 3.12
CA SER A 13 7.46 -18.22 4.32
C SER A 13 8.63 -17.27 4.57
N ARG A 14 9.38 -16.95 3.52
CA ARG A 14 10.51 -16.02 3.67
C ARG A 14 10.08 -14.64 4.17
N TYR A 15 9.06 -14.07 3.53
CA TYR A 15 8.57 -12.74 3.93
C TYR A 15 8.10 -12.74 5.40
N LEU A 16 7.28 -13.71 5.79
CA LEU A 16 6.77 -13.79 7.16
C LEU A 16 7.90 -13.94 8.18
N ARG A 17 8.85 -14.82 7.89
CA ARG A 17 9.97 -15.06 8.80
C ARG A 17 10.86 -13.82 8.95
N GLU A 18 11.11 -13.14 7.84
CA GLU A 18 11.92 -11.92 7.80
C GLU A 18 11.22 -10.77 8.52
N GLN A 19 9.92 -10.67 8.31
CA GLN A 19 9.10 -9.69 9.02
C GLN A 19 9.10 -9.93 10.54
N ALA A 20 9.05 -11.19 10.94
CA ALA A 20 8.99 -11.55 12.36
C ALA A 20 10.33 -11.32 13.07
N THR A 21 11.42 -11.72 12.44
CA THR A 21 12.74 -11.71 13.10
C THR A 21 13.56 -10.43 12.81
N GLY A 22 13.23 -9.73 11.73
CA GLY A 22 14.00 -8.56 11.27
C GLY A 22 15.30 -8.88 10.56
N ALA A 23 15.53 -10.16 10.26
CA ALA A 23 16.78 -10.61 9.64
C ALA A 23 16.47 -11.32 8.33
N LYS A 24 17.22 -11.01 7.28
CA LYS A 24 17.05 -11.66 5.98
C LYS A 24 17.53 -13.10 6.02
N ASP A 25 16.84 -13.99 5.31
CA ASP A 25 17.35 -15.37 5.14
C ASP A 25 18.45 -15.36 4.10
N THR A 26 19.62 -15.87 4.48
CA THR A 26 20.79 -15.88 3.60
C THR A 26 20.78 -17.06 2.60
N LYS A 27 20.05 -18.12 2.92
CA LYS A 27 19.97 -19.29 2.03
C LYS A 27 19.54 -18.93 0.60
N PRO A 28 20.12 -19.59 -0.40
CA PRO A 28 19.62 -19.40 -1.75
C PRO A 28 18.15 -19.80 -1.89
N MET A 29 17.49 -19.17 -2.84
CA MET A 29 16.17 -19.60 -3.28
C MET A 29 16.31 -20.93 -4.02
N GLY A 30 15.22 -21.69 -4.09
CA GLY A 30 15.18 -22.91 -4.90
C GLY A 30 14.99 -22.57 -6.37
N ARG A 31 14.19 -23.36 -7.06
CA ARG A 31 13.88 -23.09 -8.46
C ARG A 31 13.18 -21.72 -8.61
N SER A 32 13.37 -21.11 -9.77
CA SER A 32 12.81 -19.80 -10.09
C SER A 32 13.28 -18.73 -9.10
N GLY A 33 14.54 -18.83 -8.70
CA GLY A 33 15.09 -17.97 -7.66
C GLY A 33 15.09 -16.52 -8.05
N ALA A 34 15.36 -16.23 -9.33
CA ALA A 34 15.41 -14.83 -9.77
C ALA A 34 14.06 -14.16 -9.52
N THR A 35 12.99 -14.82 -9.96
CA THR A 35 11.62 -14.30 -9.77
C THR A 35 11.24 -14.22 -8.30
N SER A 36 11.54 -15.25 -7.53
CA SER A 36 11.24 -15.23 -6.10
C SER A 36 11.96 -14.06 -5.40
N ARG A 37 13.20 -13.78 -5.77
CA ARG A 37 13.91 -12.66 -5.15
C ARG A 37 13.20 -11.35 -5.44
N LYS A 38 12.74 -11.18 -6.68
CA LYS A 38 12.05 -9.95 -7.07
C LYS A 38 10.69 -9.89 -6.38
N ALA A 39 10.05 -11.05 -6.18
CA ALA A 39 8.76 -11.12 -5.48
C ALA A 39 8.93 -10.69 -4.03
N LEU A 40 10.04 -11.10 -3.42
CA LEU A 40 10.35 -10.72 -2.06
C LEU A 40 10.66 -9.23 -1.93
N GLU A 41 11.43 -8.67 -2.87
CA GLU A 41 11.68 -7.22 -2.92
C GLU A 41 10.36 -6.47 -3.00
N THR A 42 9.45 -6.98 -3.82
CA THR A 42 8.15 -6.36 -4.01
C THR A 42 7.29 -6.36 -2.73
N LEU A 43 7.32 -7.47 -1.99
CA LEU A 43 6.57 -7.57 -0.73
C LEU A 43 7.14 -6.64 0.32
N ARG A 44 8.47 -6.54 0.38
CA ARG A 44 9.09 -5.61 1.31
C ARG A 44 8.67 -4.18 1.02
N ARG A 45 8.58 -3.83 -0.26
CA ARG A 45 8.25 -2.49 -0.67
C ARG A 45 6.74 -2.25 -0.48
N VAL A 46 5.94 -3.16 -1.00
CA VAL A 46 4.50 -3.00 -1.04
C VAL A 46 3.79 -3.49 0.22
N GLY A 47 4.09 -4.72 0.64
CA GLY A 47 3.50 -5.29 1.86
C GLY A 47 3.75 -4.49 3.12
N ASP A 48 4.96 -3.93 3.26
CA ASP A 48 5.25 -3.10 4.40
C ASP A 48 4.35 -1.85 4.43
N GLY A 49 4.14 -1.23 3.27
CA GLY A 49 3.24 -0.09 3.15
C GLY A 49 1.81 -0.44 3.52
N VAL A 50 1.35 -1.60 3.06
CA VAL A 50 0.00 -2.10 3.37
C VAL A 50 -0.25 -2.23 4.89
N GLN A 51 0.71 -2.80 5.62
CA GLN A 51 0.56 -2.97 7.06
C GLN A 51 0.42 -1.59 7.76
N ARG A 52 1.02 -0.55 7.20
CA ARG A 52 0.93 0.81 7.77
C ARG A 52 -0.34 1.55 7.34
N ASN A 53 -0.66 1.48 6.06
CA ASN A 53 -1.87 2.09 5.52
C ASN A 53 -3.12 1.54 6.19
N HIS A 54 -3.08 0.28 6.58
CA HIS A 54 -4.20 -0.37 7.25
C HIS A 54 -3.95 -0.70 8.68
N GLU A 55 -3.07 0.08 9.31
CA GLU A 55 -2.63 -0.23 10.67
C GLU A 55 -3.79 -0.42 11.64
N THR A 56 -4.73 0.54 11.68
CA THR A 56 -5.85 0.44 12.63
C THR A 56 -6.71 -0.79 12.41
N ALA A 57 -7.02 -1.09 11.13
CA ALA A 57 -7.83 -2.26 10.83
C ALA A 57 -7.07 -3.56 11.14
N PHE A 58 -5.76 -3.55 10.86
CA PHE A 58 -4.94 -4.73 11.09
C PHE A 58 -4.87 -5.01 12.60
N GLN A 59 -4.62 -3.99 13.40
CA GLN A 59 -4.56 -4.15 14.86
C GLN A 59 -5.91 -4.62 15.39
N GLY A 60 -6.99 -4.05 14.85
CA GLY A 60 -8.33 -4.47 15.22
C GLY A 60 -8.69 -5.91 14.92
N MET A 61 -8.35 -6.38 13.73
CA MET A 61 -8.61 -7.76 13.34
C MET A 61 -7.76 -8.73 14.18
N LEU A 62 -6.49 -8.37 14.40
CA LEU A 62 -5.60 -9.18 15.23
C LEU A 62 -6.22 -9.35 16.61
N ARG A 63 -6.69 -8.25 17.19
CA ARG A 63 -7.30 -8.30 18.52
C ARG A 63 -8.51 -9.23 18.49
N LYS A 64 -9.35 -9.10 17.46
CA LYS A 64 -10.53 -9.93 17.31
C LYS A 64 -10.22 -11.42 17.16
N LEU A 65 -9.14 -11.77 16.46
CA LEU A 65 -8.75 -13.17 16.28
C LEU A 65 -8.17 -13.80 17.57
N ASP A 66 -7.63 -12.94 18.45
CA ASP A 66 -7.18 -13.35 19.77
C ASP A 66 -6.26 -14.57 19.74
N ILE A 67 -5.13 -14.43 19.05
CA ILE A 67 -4.23 -15.57 18.80
C ILE A 67 -3.28 -15.74 19.99
N LYS A 68 -3.43 -16.88 20.67
CA LYS A 68 -2.68 -17.20 21.89
C LYS A 68 -1.84 -18.46 21.76
N ASN A 69 -2.20 -19.33 20.81
CA ASN A 69 -1.61 -20.67 20.76
C ASN A 69 -1.81 -21.34 19.39
N GLU A 70 -1.30 -22.57 19.28
CA GLU A 70 -1.35 -23.37 18.05
C GLU A 70 -2.78 -23.59 17.54
N ASP A 71 -3.71 -23.93 18.42
CA ASP A 71 -5.10 -24.08 18.02
C ASP A 71 -5.69 -22.81 17.43
N ASP A 72 -5.29 -21.64 17.96
CA ASP A 72 -5.78 -20.37 17.42
C ASP A 72 -5.20 -20.18 16.02
N VAL A 73 -3.94 -20.56 15.84
CA VAL A 73 -3.30 -20.43 14.53
C VAL A 73 -3.97 -21.36 13.51
N LYS A 74 -4.28 -22.59 13.92
CA LYS A 74 -5.04 -23.51 13.07
C LYS A 74 -6.42 -22.99 12.66
N SER A 75 -7.04 -22.20 13.52
CA SER A 75 -8.38 -21.64 13.22
C SER A 75 -8.34 -20.59 12.11
N LEU A 76 -7.14 -20.13 11.72
CA LEU A 76 -7.05 -19.01 10.80
C LEU A 76 -7.39 -19.42 9.37
N SER A 77 -7.18 -20.70 9.04
CA SER A 77 -7.48 -21.18 7.69
C SER A 77 -8.94 -20.94 7.29
N ARG A 78 -9.85 -21.35 8.16
CA ARG A 78 -11.27 -21.09 7.95
C ARG A 78 -11.60 -19.62 7.72
N VAL A 79 -11.00 -18.74 8.51
CA VAL A 79 -11.26 -17.31 8.39
C VAL A 79 -10.68 -16.76 7.08
N MET A 80 -9.50 -17.23 6.69
CA MET A 80 -8.88 -16.81 5.41
C MET A 80 -9.73 -17.23 4.22
N ILE A 81 -10.25 -18.44 4.25
CA ILE A 81 -11.15 -18.92 3.21
C ILE A 81 -12.39 -18.04 3.13
N HIS A 82 -12.97 -17.74 4.29
CA HIS A 82 -14.16 -16.88 4.42
C HIS A 82 -13.93 -15.48 3.87
N VAL A 83 -12.84 -14.84 4.28
CA VAL A 83 -12.61 -13.43 3.94
C VAL A 83 -11.88 -13.24 2.58
N PHE A 84 -10.80 -13.98 2.36
CA PHE A 84 -10.03 -13.82 1.13
C PHE A 84 -10.64 -14.55 -0.07
N SER A 85 -10.89 -15.87 0.06
CA SER A 85 -11.27 -16.68 -1.08
C SER A 85 -12.65 -16.30 -1.57
N ASP A 86 -13.55 -16.00 -0.64
CA ASP A 86 -14.92 -15.65 -1.02
C ASP A 86 -15.01 -14.17 -1.31
N GLY A 87 -14.34 -13.75 -2.38
CA GLY A 87 -14.40 -12.37 -2.85
C GLY A 87 -13.69 -12.28 -4.17
N VAL A 88 -13.63 -11.07 -4.74
CA VAL A 88 -12.93 -10.86 -5.99
C VAL A 88 -11.43 -11.13 -5.80
N THR A 89 -10.78 -11.66 -6.83
CA THR A 89 -9.34 -11.85 -6.75
C THR A 89 -8.68 -10.77 -7.56
N ASN A 90 -7.73 -10.08 -6.94
CA ASN A 90 -6.81 -9.17 -7.64
C ASN A 90 -5.52 -9.12 -6.85
N TRP A 91 -4.48 -8.51 -7.38
CA TRP A 91 -3.20 -8.55 -6.68
C TRP A 91 -3.26 -7.85 -5.35
N GLY A 92 -4.04 -6.77 -5.25
CA GLY A 92 -4.19 -6.04 -4.00
C GLY A 92 -4.68 -6.91 -2.86
N ARG A 93 -5.69 -7.74 -3.14
CA ARG A 93 -6.25 -8.60 -2.11
C ARG A 93 -5.28 -9.72 -1.71
N ILE A 94 -4.48 -10.18 -2.67
CA ILE A 94 -3.44 -11.17 -2.40
C ILE A 94 -2.33 -10.57 -1.52
N VAL A 95 -2.00 -9.31 -1.78
CA VAL A 95 -1.03 -8.60 -0.95
C VAL A 95 -1.57 -8.41 0.47
N THR A 96 -2.86 -8.07 0.61
CA THR A 96 -3.43 -7.93 1.95
C THR A 96 -3.39 -9.28 2.68
N LEU A 97 -3.72 -10.36 1.98
CA LEU A 97 -3.67 -11.71 2.56
C LEU A 97 -2.30 -11.96 3.17
N ILE A 98 -1.27 -11.73 2.37
CA ILE A 98 0.11 -12.02 2.76
C ILE A 98 0.60 -11.02 3.80
N SER A 99 0.22 -9.75 3.64
CA SER A 99 0.68 -8.68 4.55
C SER A 99 0.08 -8.83 5.93
N PHE A 100 -1.20 -9.18 6.00
CA PHE A 100 -1.79 -9.50 7.28
C PHE A 100 -1.17 -10.78 7.88
N GLY A 101 -0.80 -11.74 7.04
CA GLY A 101 0.02 -12.88 7.50
C GLY A 101 1.31 -12.44 8.21
N ALA A 102 2.02 -11.49 7.61
CA ALA A 102 3.25 -10.94 8.21
C ALA A 102 2.92 -10.25 9.54
N PHE A 103 1.82 -9.50 9.56
CA PHE A 103 1.32 -8.87 10.78
C PHE A 103 1.11 -9.91 11.89
N VAL A 104 0.52 -11.05 11.53
CA VAL A 104 0.27 -12.12 12.48
C VAL A 104 1.61 -12.78 12.87
N ALA A 105 2.53 -12.97 11.92
CA ALA A 105 3.85 -13.55 12.19
C ALA A 105 4.60 -12.74 13.26
N LYS A 106 4.57 -11.42 13.13
CA LYS A 106 5.21 -10.55 14.12
C LYS A 106 4.57 -10.72 15.50
N HIS A 107 3.25 -10.80 15.51
CA HIS A 107 2.52 -11.12 16.73
C HIS A 107 2.99 -12.41 17.34
N LEU A 108 3.15 -13.46 16.53
CA LEU A 108 3.57 -14.75 17.06
C LEU A 108 4.94 -14.66 17.74
N LYS A 109 5.84 -13.87 17.16
CA LYS A 109 7.14 -13.63 17.79
C LYS A 109 6.96 -12.92 19.14
N THR A 110 6.08 -11.92 19.22
CA THR A 110 5.88 -11.17 20.48
C THR A 110 5.36 -12.08 21.60
N ILE A 111 4.57 -13.09 21.27
CA ILE A 111 4.03 -14.01 22.30
C ILE A 111 4.84 -15.30 22.42
N ASN A 112 6.05 -15.30 21.85
CA ASN A 112 6.96 -16.47 21.91
C ASN A 112 6.31 -17.75 21.37
N GLN A 113 5.65 -17.60 20.22
CA GLN A 113 5.12 -18.73 19.46
C GLN A 113 5.70 -18.70 18.04
N GLU A 114 7.02 -18.45 17.93
CA GLU A 114 7.70 -18.36 16.63
C GLU A 114 7.64 -19.65 15.83
N SER A 115 7.47 -20.77 16.52
CA SER A 115 7.44 -22.08 15.84
C SER A 115 6.19 -22.22 14.96
N CYS A 116 5.17 -21.40 15.22
CA CYS A 116 3.93 -21.41 14.43
C CYS A 116 3.98 -20.60 13.14
N ILE A 117 5.08 -19.87 12.91
CA ILE A 117 5.20 -19.02 11.73
C ILE A 117 5.24 -19.85 10.44
N GLU A 118 6.06 -20.90 10.38
CA GLU A 118 6.10 -21.72 9.17
C GLU A 118 4.77 -22.45 8.89
N PRO A 119 4.14 -23.04 9.92
CA PRO A 119 2.78 -23.56 9.69
C PRO A 119 1.78 -22.51 9.20
N LEU A 120 1.90 -21.29 9.72
CA LEU A 120 1.03 -20.20 9.27
C LEU A 120 1.27 -19.90 7.79
N ALA A 121 2.54 -19.82 7.40
CA ALA A 121 2.91 -19.59 6.00
C ALA A 121 2.38 -20.71 5.10
N GLU A 122 2.42 -21.95 5.59
CA GLU A 122 1.86 -23.07 4.83
C GLU A 122 0.34 -22.91 4.63
N SER A 123 -0.36 -22.49 5.69
CA SER A 123 -1.80 -22.27 5.63
C SER A 123 -2.18 -21.17 4.64
N ILE A 124 -1.46 -20.06 4.68
CA ILE A 124 -1.68 -18.96 3.73
C ILE A 124 -1.45 -19.44 2.30
N THR A 125 -0.39 -20.20 2.10
CA THR A 125 -0.05 -20.71 0.77
C THR A 125 -1.14 -21.66 0.27
N ASP A 126 -1.64 -22.54 1.15
CA ASP A 126 -2.73 -23.46 0.81
C ASP A 126 -3.96 -22.67 0.35
N VAL A 127 -4.35 -21.66 1.13
CA VAL A 127 -5.50 -20.83 0.75
C VAL A 127 -5.28 -20.16 -0.61
N LEU A 128 -4.12 -19.54 -0.78
CA LEU A 128 -3.86 -18.77 -2.00
C LEU A 128 -3.83 -19.66 -3.25
N VAL A 129 -2.97 -20.67 -3.19
CA VAL A 129 -2.71 -21.53 -4.35
C VAL A 129 -3.87 -22.51 -4.64
N ARG A 130 -4.43 -23.11 -3.60
CA ARG A 130 -5.39 -24.16 -3.78
C ARG A 130 -6.80 -23.62 -4.06
N THR A 131 -7.08 -22.36 -3.73
CA THR A 131 -8.36 -21.75 -4.06
C THR A 131 -8.31 -20.80 -5.27
N LYS A 132 -7.12 -20.28 -5.63
CA LYS A 132 -7.00 -19.33 -6.75
C LYS A 132 -5.99 -19.70 -7.85
N ARG A 133 -5.74 -21.00 -8.04
CA ARG A 133 -4.75 -21.41 -9.04
C ARG A 133 -5.11 -20.91 -10.45
N ASP A 134 -6.39 -21.03 -10.81
CA ASP A 134 -6.83 -20.63 -12.16
C ASP A 134 -6.47 -19.18 -12.42
N TRP A 135 -6.80 -18.30 -11.48
CA TRP A 135 -6.47 -16.88 -11.60
C TRP A 135 -4.98 -16.64 -11.61
N LEU A 136 -4.27 -17.26 -10.69
CA LEU A 136 -2.81 -17.10 -10.62
C LEU A 136 -2.11 -17.53 -11.91
N VAL A 137 -2.52 -18.67 -12.47
CA VAL A 137 -1.96 -19.14 -13.75
C VAL A 137 -2.23 -18.13 -14.87
N LYS A 138 -3.47 -17.68 -14.96
CA LYS A 138 -3.87 -16.71 -15.99
C LYS A 138 -3.12 -15.38 -15.86
N GLN A 139 -2.82 -14.98 -14.63
CA GLN A 139 -2.08 -13.74 -14.38
C GLN A 139 -0.56 -13.92 -14.38
N ARG A 140 -0.08 -15.07 -14.88
CA ARG A 140 1.37 -15.34 -15.02
C ARG A 140 2.13 -15.51 -13.71
N GLY A 141 1.40 -15.92 -12.66
CA GLY A 141 2.02 -16.28 -11.40
C GLY A 141 2.87 -15.16 -10.79
N TRP A 142 4.01 -15.55 -10.22
CA TRP A 142 4.90 -14.61 -9.56
C TRP A 142 5.59 -13.65 -10.50
N ASP A 143 5.82 -14.09 -11.74
CA ASP A 143 6.31 -13.18 -12.78
C ASP A 143 5.30 -12.05 -12.98
N GLY A 144 4.02 -12.40 -12.98
CA GLY A 144 2.94 -11.43 -13.13
C GLY A 144 2.83 -10.49 -11.95
N PHE A 145 3.02 -11.04 -10.74
CA PHE A 145 3.07 -10.24 -9.52
C PHE A 145 4.20 -9.20 -9.62
N VAL A 146 5.38 -9.66 -10.01
CA VAL A 146 6.52 -8.75 -10.11
C VAL A 146 6.24 -7.67 -11.16
N GLU A 147 5.73 -8.06 -12.32
CA GLU A 147 5.39 -7.13 -13.40
C GLU A 147 4.33 -6.11 -12.96
N PHE A 148 3.32 -6.57 -12.23
CA PHE A 148 2.21 -5.71 -11.81
C PHE A 148 2.68 -4.53 -10.97
N PHE A 149 3.66 -4.76 -10.09
CA PHE A 149 4.15 -3.77 -9.11
C PHE A 149 5.48 -3.13 -9.51
N HIS A 150 5.89 -3.34 -10.77
CA HIS A 150 7.21 -2.91 -11.24
C HIS A 150 7.41 -1.42 -11.15
N VAL A 151 8.59 -1.01 -10.66
CA VAL A 151 9.02 0.40 -10.57
C VAL A 151 9.94 0.75 -11.74
N GLU A 152 9.51 1.63 -12.64
CA GLU A 152 10.31 1.98 -13.83
C GLU A 152 11.57 2.75 -13.47
N ASP B 2 2.15 30.40 7.17
CA ASP B 2 1.53 29.07 7.45
C ASP B 2 2.44 27.96 6.93
N GLU B 3 3.37 27.53 7.77
CA GLU B 3 4.43 26.61 7.35
C GLU B 3 3.86 25.23 6.94
N LEU B 4 2.90 24.73 7.70
CA LEU B 4 2.29 23.43 7.39
C LEU B 4 1.59 23.44 6.02
N TYR B 5 0.84 24.50 5.73
CA TYR B 5 0.19 24.58 4.42
C TYR B 5 1.23 24.65 3.29
N ARG B 6 2.24 25.49 3.46
CA ARG B 6 3.27 25.64 2.43
C ARG B 6 3.99 24.32 2.17
N GLN B 7 4.41 23.64 3.23
CA GLN B 7 5.08 22.37 3.13
C GLN B 7 4.19 21.32 2.46
N SER B 8 2.94 21.25 2.90
CA SER B 8 1.98 20.31 2.35
C SER B 8 1.79 20.55 0.85
N LEU B 9 1.61 21.81 0.45
CA LEU B 9 1.46 22.15 -0.95
C LEU B 9 2.63 21.69 -1.80
N GLU B 10 3.85 21.92 -1.30
CA GLU B 10 5.05 21.58 -2.05
C GLU B 10 5.17 20.07 -2.23
N ILE B 11 4.93 19.31 -1.17
CA ILE B 11 5.03 17.84 -1.24
C ILE B 11 3.99 17.28 -2.20
N ILE B 12 2.74 17.69 -2.01
CA ILE B 12 1.60 17.22 -2.83
C ILE B 12 1.73 17.65 -4.29
N SER B 13 2.05 18.93 -4.53
CA SER B 13 2.24 19.41 -5.91
C SER B 13 3.36 18.66 -6.62
N ARG B 14 4.49 18.48 -5.95
CA ARG B 14 5.63 17.80 -6.53
C ARG B 14 5.33 16.35 -6.88
N TYR B 15 4.71 15.64 -5.95
CA TYR B 15 4.35 14.25 -6.21
C TYR B 15 3.39 14.14 -7.41
N LEU B 16 2.35 14.96 -7.45
CA LEU B 16 1.40 14.92 -8.54
C LEU B 16 2.11 15.27 -9.88
N ARG B 17 2.95 16.30 -9.86
CA ARG B 17 3.69 16.73 -11.07
C ARG B 17 4.56 15.62 -11.65
N GLU B 18 5.39 15.01 -10.80
CA GLU B 18 6.34 14.00 -11.26
C GLU B 18 5.67 12.67 -11.61
N GLN B 19 4.48 12.44 -11.08
CA GLN B 19 3.64 11.30 -11.48
C GLN B 19 3.05 11.51 -12.86
N ALA B 20 2.60 12.74 -13.14
CA ALA B 20 2.02 13.08 -14.44
C ALA B 20 3.05 13.09 -15.58
N THR B 21 4.29 13.50 -15.27
CA THR B 21 5.35 13.64 -16.28
C THR B 21 6.34 12.46 -16.28
N GLY B 22 6.74 12.01 -15.09
CA GLY B 22 7.69 10.90 -14.96
C GLY B 22 9.12 11.32 -14.64
N ALA B 23 9.34 12.61 -14.44
CA ALA B 23 10.68 13.16 -14.19
C ALA B 23 10.78 13.72 -12.78
N LYS B 24 11.92 13.49 -12.14
CA LYS B 24 12.15 13.89 -10.75
C LYS B 24 12.66 15.35 -10.66
N ASP B 25 11.91 16.22 -10.00
CA ASP B 25 12.30 17.64 -9.84
C ASP B 25 13.48 17.72 -8.86
N THR B 26 14.57 18.34 -9.31
CA THR B 26 15.81 18.37 -8.53
C THR B 26 16.04 19.72 -7.85
N LYS B 27 15.11 20.66 -8.03
CA LYS B 27 15.15 21.90 -7.25
C LYS B 27 15.08 21.52 -5.76
N PRO B 28 15.83 22.23 -4.90
CA PRO B 28 15.68 21.91 -3.49
C PRO B 28 14.29 22.32 -2.97
N MET B 29 13.88 21.71 -1.87
CA MET B 29 12.64 22.09 -1.20
C MET B 29 12.82 23.47 -0.57
N GLY B 30 11.77 23.98 0.05
CA GLY B 30 11.89 25.16 0.93
C GLY B 30 12.58 24.76 2.21
N ARG B 31 12.26 25.43 3.32
CA ARG B 31 12.80 25.03 4.63
C ARG B 31 12.13 23.74 5.11
N SER B 32 12.67 23.17 6.18
CA SER B 32 12.36 21.78 6.58
C SER B 32 12.55 20.86 5.36
N GLY B 33 13.63 21.13 4.61
CA GLY B 33 13.90 20.43 3.37
C GLY B 33 14.16 18.96 3.57
N ALA B 34 14.79 18.62 4.69
CA ALA B 34 15.03 17.22 5.05
C ALA B 34 13.71 16.45 5.03
N THR B 35 12.72 16.98 5.72
CA THR B 35 11.42 16.32 5.86
C THR B 35 10.63 16.30 4.55
N SER B 36 10.50 17.45 3.90
CA SER B 36 9.80 17.54 2.61
C SER B 36 10.38 16.56 1.60
N ARG B 37 11.70 16.45 1.54
CA ARG B 37 12.37 15.47 0.66
C ARG B 37 11.98 14.04 1.02
N LYS B 38 12.13 13.70 2.31
CA LYS B 38 11.80 12.37 2.81
C LYS B 38 10.31 12.06 2.65
N ALA B 39 9.47 13.07 2.81
CA ALA B 39 8.02 12.90 2.57
C ALA B 39 7.76 12.52 1.10
N LEU B 40 8.45 13.19 0.17
CA LEU B 40 8.28 12.90 -1.25
C LEU B 40 8.77 11.48 -1.58
N GLU B 41 9.85 11.07 -0.91
CA GLU B 41 10.40 9.72 -1.11
C GLU B 41 9.45 8.65 -0.56
N THR B 42 8.81 8.94 0.57
CA THR B 42 7.77 8.07 1.12
C THR B 42 6.59 7.90 0.16
N LEU B 43 6.10 9.01 -0.40
CA LEU B 43 5.01 8.96 -1.39
C LEU B 43 5.36 8.16 -2.64
N ARG B 44 6.61 8.25 -3.10
CA ARG B 44 7.04 7.45 -4.25
C ARG B 44 6.94 5.96 -3.92
N ARG B 45 7.38 5.63 -2.71
CA ARG B 45 7.43 4.26 -2.27
C ARG B 45 6.03 3.73 -2.00
N VAL B 46 5.30 4.46 -1.16
CA VAL B 46 4.04 3.96 -0.61
C VAL B 46 2.86 4.27 -1.53
N GLY B 47 2.82 5.49 -2.05
CA GLY B 47 1.74 5.93 -2.91
C GLY B 47 1.65 5.12 -4.20
N ASP B 48 2.79 4.81 -4.79
CA ASP B 48 2.80 4.03 -6.02
C ASP B 48 2.17 2.65 -5.78
N GLY B 49 2.51 2.03 -4.65
CA GLY B 49 1.89 0.76 -4.25
C GLY B 49 0.37 0.85 -4.08
N VAL B 50 -0.09 1.92 -3.46
CA VAL B 50 -1.53 2.12 -3.21
C VAL B 50 -2.32 2.17 -4.52
N GLN B 51 -1.77 2.87 -5.51
CA GLN B 51 -2.39 2.94 -6.84
C GLN B 51 -2.52 1.57 -7.51
N ARG B 52 -1.62 0.65 -7.21
CA ARG B 52 -1.66 -0.70 -7.76
C ARG B 52 -2.60 -1.59 -6.96
N ASN B 53 -2.52 -1.51 -5.63
CA ASN B 53 -3.35 -2.35 -4.75
C ASN B 53 -4.81 -2.01 -4.92
N HIS B 54 -5.11 -0.74 -5.26
CA HIS B 54 -6.47 -0.30 -5.49
C HIS B 54 -6.76 0.04 -6.92
N GLU B 55 -6.04 -0.58 -7.84
CA GLU B 55 -6.16 -0.30 -9.27
C GLU B 55 -7.60 -0.34 -9.74
N THR B 56 -8.31 -1.44 -9.44
CA THR B 56 -9.69 -1.58 -9.91
C THR B 56 -10.61 -0.49 -9.39
N ALA B 57 -10.54 -0.21 -8.09
CA ALA B 57 -11.37 0.83 -7.46
C ALA B 57 -11.01 2.23 -7.98
N PHE B 58 -9.71 2.48 -8.17
CA PHE B 58 -9.20 3.77 -8.68
C PHE B 58 -9.73 4.02 -10.12
N GLN B 59 -9.62 3.02 -10.99
CA GLN B 59 -10.18 3.12 -12.35
C GLN B 59 -11.69 3.36 -12.32
N GLY B 60 -12.40 2.67 -11.45
CA GLY B 60 -13.85 2.79 -11.33
C GLY B 60 -14.29 4.17 -10.87
N MET B 61 -13.63 4.69 -9.84
CA MET B 61 -13.94 6.05 -9.37
C MET B 61 -13.63 7.11 -10.43
N LEU B 62 -12.48 6.98 -11.10
CA LEU B 62 -12.09 7.95 -12.11
C LEU B 62 -13.14 7.96 -13.23
N ARG B 63 -13.56 6.77 -13.66
CA ARG B 63 -14.60 6.66 -14.69
C ARG B 63 -15.88 7.35 -14.25
N LYS B 64 -16.23 7.14 -12.99
CA LYS B 64 -17.48 7.68 -12.44
C LYS B 64 -17.43 9.20 -12.41
N LEU B 65 -16.27 9.77 -12.12
CA LEU B 65 -16.10 11.22 -12.04
C LEU B 65 -16.18 11.92 -13.40
N ASP B 66 -15.84 11.20 -14.48
CA ASP B 66 -15.92 11.72 -15.86
C ASP B 66 -15.30 13.12 -15.97
N ILE B 67 -13.98 13.17 -15.82
CA ILE B 67 -13.26 14.44 -15.74
C ILE B 67 -12.79 14.83 -17.14
N LYS B 68 -13.44 15.84 -17.70
CA LYS B 68 -13.16 16.28 -19.07
C LYS B 68 -12.47 17.64 -19.09
N ASN B 69 -12.89 18.52 -18.19
CA ASN B 69 -12.62 19.93 -18.29
C ASN B 69 -12.35 20.58 -16.93
N GLU B 70 -12.15 21.90 -16.96
CA GLU B 70 -11.84 22.68 -15.77
C GLU B 70 -12.96 22.67 -14.75
N ASP B 71 -14.22 22.72 -15.20
CA ASP B 71 -15.34 22.67 -14.26
C ASP B 71 -15.39 21.33 -13.52
N ASP B 72 -15.09 20.24 -14.22
CA ASP B 72 -15.07 18.89 -13.61
C ASP B 72 -14.00 18.78 -12.53
N VAL B 73 -12.84 19.35 -12.81
CA VAL B 73 -11.72 19.37 -11.87
C VAL B 73 -12.11 20.20 -10.64
N LYS B 74 -12.77 21.34 -10.86
CA LYS B 74 -13.26 22.16 -9.76
C LYS B 74 -14.28 21.41 -8.90
N SER B 75 -15.14 20.62 -9.53
CA SER B 75 -16.15 19.84 -8.78
C SER B 75 -15.56 18.79 -7.82
N LEU B 76 -14.27 18.49 -7.95
CA LEU B 76 -13.65 17.45 -7.12
C LEU B 76 -13.46 17.81 -5.65
N SER B 77 -13.38 19.10 -5.37
CA SER B 77 -13.19 19.54 -3.98
C SER B 77 -14.37 19.08 -3.12
N ARG B 78 -15.58 19.27 -3.63
CA ARG B 78 -16.80 18.83 -2.96
C ARG B 78 -16.75 17.33 -2.67
N VAL B 79 -16.29 16.56 -3.64
CA VAL B 79 -16.25 15.12 -3.51
C VAL B 79 -15.17 14.71 -2.48
N MET B 80 -14.01 15.36 -2.51
CA MET B 80 -12.94 15.06 -1.55
C MET B 80 -13.37 15.37 -0.13
N ILE B 81 -14.08 16.49 0.07
CA ILE B 81 -14.65 16.81 1.38
C ILE B 81 -15.65 15.74 1.84
N HIS B 82 -16.56 15.35 0.95
CA HIS B 82 -17.51 14.26 1.16
C HIS B 82 -16.86 12.95 1.57
N VAL B 83 -15.90 12.47 0.79
CA VAL B 83 -15.34 11.14 0.97
C VAL B 83 -14.14 11.11 1.96
N PHE B 84 -13.22 12.05 1.83
CA PHE B 84 -12.06 12.05 2.73
C PHE B 84 -12.36 12.72 4.08
N SER B 85 -12.83 13.97 4.06
CA SER B 85 -12.96 14.73 5.31
C SER B 85 -14.00 14.10 6.24
N ASP B 86 -15.09 13.61 5.66
CA ASP B 86 -16.19 13.08 6.45
C ASP B 86 -15.93 11.59 6.75
N GLY B 87 -14.91 11.35 7.55
CA GLY B 87 -14.53 9.99 7.92
C GLY B 87 -13.38 10.05 8.91
N VAL B 88 -12.97 8.88 9.39
CA VAL B 88 -11.89 8.79 10.35
C VAL B 88 -10.59 9.26 9.67
N THR B 89 -9.77 9.99 10.39
CA THR B 89 -8.49 10.38 9.86
C THR B 89 -7.40 9.44 10.33
N ASN B 90 -6.63 8.92 9.38
CA ASN B 90 -5.37 8.24 9.66
C ASN B 90 -4.43 8.41 8.48
N TRP B 91 -3.17 8.00 8.63
CA TRP B 91 -2.21 8.24 7.55
C TRP B 91 -2.57 7.48 6.30
N GLY B 92 -3.15 6.28 6.47
CA GLY B 92 -3.60 5.47 5.32
C GLY B 92 -4.58 6.23 4.44
N ARG B 93 -5.56 6.88 5.07
CA ARG B 93 -6.57 7.64 4.33
C ARG B 93 -5.99 8.87 3.64
N ILE B 94 -4.99 9.50 4.27
CA ILE B 94 -4.27 10.64 3.72
C ILE B 94 -3.46 10.21 2.49
N VAL B 95 -2.80 9.07 2.60
CA VAL B 95 -2.10 8.47 1.47
C VAL B 95 -3.07 8.15 0.30
N THR B 96 -4.23 7.59 0.58
CA THR B 96 -5.22 7.36 -0.49
C THR B 96 -5.66 8.68 -1.14
N LEU B 97 -5.89 9.71 -0.33
CA LEU B 97 -6.28 11.01 -0.87
C LEU B 97 -5.26 11.49 -1.90
N ILE B 98 -4.00 11.46 -1.49
CA ILE B 98 -2.89 11.96 -2.32
C ILE B 98 -2.62 11.02 -3.51
N SER B 99 -2.69 9.72 -3.26
CA SER B 99 -2.44 8.71 -4.30
C SER B 99 -3.49 8.75 -5.42
N PHE B 100 -4.77 8.87 -5.04
CA PHE B 100 -5.83 9.04 -6.03
C PHE B 100 -5.65 10.40 -6.74
N GLY B 101 -5.20 11.42 -6.01
CA GLY B 101 -4.79 12.66 -6.66
C GLY B 101 -3.72 12.46 -7.75
N ALA B 102 -2.72 11.62 -7.47
CA ALA B 102 -1.66 11.36 -8.47
C ALA B 102 -2.22 10.61 -9.68
N PHE B 103 -3.15 9.69 -9.40
CA PHE B 103 -3.89 8.98 -10.45
C PHE B 103 -4.70 9.92 -11.35
N VAL B 104 -5.39 10.88 -10.74
CA VAL B 104 -6.14 11.89 -11.48
C VAL B 104 -5.17 12.77 -12.26
N ALA B 105 -4.06 13.15 -11.64
CA ALA B 105 -3.07 13.99 -12.33
C ALA B 105 -2.56 13.31 -13.63
N LYS B 106 -2.28 12.02 -13.54
CA LYS B 106 -1.90 11.22 -14.71
C LYS B 106 -2.96 11.25 -15.78
N HIS B 107 -4.23 11.14 -15.36
CA HIS B 107 -5.37 11.26 -16.28
C HIS B 107 -5.48 12.62 -16.94
N LEU B 108 -5.32 13.69 -16.18
CA LEU B 108 -5.37 15.04 -16.74
C LEU B 108 -4.29 15.28 -17.79
N LYS B 109 -3.11 14.72 -17.57
CA LYS B 109 -2.04 14.81 -18.54
C LYS B 109 -2.43 14.05 -19.81
N THR B 110 -2.89 12.81 -19.61
CA THR B 110 -3.31 11.96 -20.72
C THR B 110 -4.33 12.64 -21.64
N ILE B 111 -5.30 13.35 -21.07
CA ILE B 111 -6.37 14.00 -21.85
C ILE B 111 -6.06 15.46 -22.22
N ASN B 112 -4.79 15.84 -22.09
CA ASN B 112 -4.33 17.20 -22.44
C ASN B 112 -5.03 18.34 -21.69
N GLN B 113 -5.19 18.14 -20.38
CA GLN B 113 -5.61 19.18 -19.46
C GLN B 113 -4.55 19.31 -18.35
N GLU B 114 -3.28 19.20 -18.73
CA GLU B 114 -2.15 19.34 -17.79
C GLU B 114 -2.18 20.65 -16.97
N SER B 115 -2.75 21.72 -17.53
CA SER B 115 -2.86 22.98 -16.79
C SER B 115 -3.73 22.87 -15.51
N CYS B 116 -4.59 21.85 -15.45
CA CYS B 116 -5.43 21.64 -14.27
C CYS B 116 -4.71 20.91 -13.12
N ILE B 117 -3.46 20.52 -13.31
CA ILE B 117 -2.75 19.73 -12.32
C ILE B 117 -2.34 20.53 -11.08
N GLU B 118 -1.79 21.73 -11.26
CA GLU B 118 -1.42 22.49 -10.07
C GLU B 118 -2.64 23.02 -9.30
N PRO B 119 -3.71 23.48 -9.99
CA PRO B 119 -4.95 23.77 -9.26
C PRO B 119 -5.51 22.54 -8.54
N LEU B 120 -5.38 21.36 -9.15
CA LEU B 120 -5.73 20.10 -8.50
C LEU B 120 -4.96 19.91 -7.18
N ALA B 121 -3.63 20.03 -7.27
CA ALA B 121 -2.77 19.84 -6.11
C ALA B 121 -3.12 20.84 -4.99
N GLU B 122 -3.44 22.06 -5.38
CA GLU B 122 -3.87 23.10 -4.44
C GLU B 122 -5.17 22.71 -3.74
N SER B 123 -6.13 22.19 -4.51
CA SER B 123 -7.40 21.73 -3.96
C SER B 123 -7.25 20.58 -2.94
N ILE B 124 -6.36 19.65 -3.25
CA ILE B 124 -6.09 18.52 -2.38
C ILE B 124 -5.49 19.03 -1.07
N THR B 125 -4.50 19.92 -1.20
CA THR B 125 -3.83 20.52 -0.06
C THR B 125 -4.82 21.27 0.84
N ASP B 126 -5.74 22.03 0.24
CA ASP B 126 -6.77 22.76 0.97
C ASP B 126 -7.65 21.80 1.78
N VAL B 127 -8.12 20.73 1.15
CA VAL B 127 -8.92 19.72 1.85
C VAL B 127 -8.16 19.12 3.04
N LEU B 128 -6.92 18.69 2.80
CA LEU B 128 -6.12 18.04 3.83
C LEU B 128 -5.83 18.98 4.98
N VAL B 129 -5.24 20.12 4.67
CA VAL B 129 -4.74 21.00 5.72
C VAL B 129 -5.86 21.77 6.42
N ARG B 130 -6.85 22.25 5.65
CA ARG B 130 -7.87 23.13 6.19
C ARG B 130 -8.95 22.34 6.92
N THR B 131 -9.13 21.05 6.59
CA THR B 131 -10.09 20.23 7.34
C THR B 131 -9.48 19.34 8.42
N LYS B 132 -8.18 19.08 8.37
CA LYS B 132 -7.55 18.15 9.33
C LYS B 132 -6.34 18.72 10.05
N ARG B 133 -6.28 20.03 10.20
CA ARG B 133 -5.10 20.66 10.83
C ARG B 133 -4.85 20.15 12.25
N ASP B 134 -5.93 20.03 13.03
CA ASP B 134 -5.82 19.59 14.43
C ASP B 134 -5.15 18.22 14.49
N TRP B 135 -5.60 17.29 13.66
CA TRP B 135 -5.03 15.96 13.59
C TRP B 135 -3.59 15.94 13.13
N LEU B 136 -3.33 16.66 12.04
CA LEU B 136 -1.96 16.76 11.48
C LEU B 136 -0.98 17.30 12.52
N VAL B 137 -1.35 18.38 13.21
CA VAL B 137 -0.51 18.97 14.26
C VAL B 137 -0.23 17.95 15.38
N LYS B 138 -1.29 17.29 15.84
CA LYS B 138 -1.16 16.28 16.90
C LYS B 138 -0.28 15.09 16.51
N GLN B 139 -0.28 14.74 15.21
CA GLN B 139 0.50 13.63 14.70
C GLN B 139 1.86 14.07 14.16
N ARG B 140 2.29 15.28 14.51
CA ARG B 140 3.61 15.80 14.17
C ARG B 140 3.82 16.12 12.66
N GLY B 141 2.72 16.35 11.95
CA GLY B 141 2.78 16.78 10.56
C GLY B 141 3.62 15.85 9.71
N TRP B 142 4.39 16.43 8.80
CA TRP B 142 5.15 15.64 7.84
C TRP B 142 6.28 14.87 8.45
N ASP B 143 6.84 15.35 9.57
CA ASP B 143 7.78 14.54 10.36
C ASP B 143 7.12 13.25 10.83
N GLY B 144 5.88 13.36 11.28
CA GLY B 144 5.11 12.22 11.73
C GLY B 144 4.84 11.25 10.62
N PHE B 145 4.44 11.77 9.47
CA PHE B 145 4.23 11.00 8.25
C PHE B 145 5.46 10.20 7.87
N VAL B 146 6.59 10.88 7.84
CA VAL B 146 7.86 10.22 7.51
C VAL B 146 8.21 9.13 8.53
N GLU B 147 8.08 9.44 9.82
CA GLU B 147 8.30 8.47 10.89
C GLU B 147 7.38 7.29 10.76
N PHE B 148 6.12 7.56 10.42
CA PHE B 148 5.12 6.49 10.36
C PHE B 148 5.48 5.43 9.31
N PHE B 149 5.98 5.85 8.15
CA PHE B 149 6.30 4.91 7.05
C PHE B 149 7.80 4.53 6.98
N HIS B 150 8.56 4.90 8.01
CA HIS B 150 10.02 4.70 8.03
C HIS B 150 10.41 3.25 7.81
N VAL B 151 11.33 3.03 6.88
CA VAL B 151 11.93 1.70 6.67
C VAL B 151 13.17 1.58 7.55
N GLU B 152 13.15 0.64 8.49
CA GLU B 152 14.21 0.52 9.52
C GLU B 152 15.64 0.46 8.97
C18 N0S C . -8.83 -12.67 7.23
C12 N0S C . -8.58 -12.69 8.75
C11 N0S C . -7.65 -13.83 9.07
C10 N0S C . -6.40 -13.77 8.20
C16 N0S C . -5.27 -14.45 8.67
C15 N0S C . -4.09 -14.43 7.95
CL1 N0S C . -2.71 -15.26 8.54
C14 N0S C . -3.99 -13.75 6.73
C13 N0S C . -5.12 -13.07 6.27
C19 N0S C . -6.31 -13.08 7.00
C8 N0S C . -7.55 -12.32 6.45
C7 N0S C . -7.33 -10.80 6.51
C9 N0S C . -7.78 -12.71 4.96
O1 N0S C . -6.95 -11.95 4.03
C2 N0S C . -7.49 -10.78 3.65
C3 N0S C . -7.30 -10.58 2.29
C4 N0S C . -7.81 -9.43 1.71
C5 N0S C . -8.53 -8.54 2.51
C6 N0S C . -8.75 -8.77 3.85
C1 N0S C . -8.22 -9.89 4.48
N1 N0S C . -8.43 -10.09 5.80
C20 N0S C . -9.00 -9.00 6.63
C21 N0S C . -8.23 -7.67 6.75
C28 N0S C . -7.17 -7.64 7.88
C29 N0S C . -7.76 -6.31 8.36
C22 N0S C . -9.04 -6.72 7.62
C27 N0S C . -9.73 -5.58 6.85
O5 N0S C . -10.38 -4.73 7.82
C23 N0S C . -8.80 -4.72 6.02
C24 N0S C . -9.09 -4.39 4.71
C25 N0S C . -8.23 -3.53 4.02
C30 N0S C . -7.80 -4.09 2.67
C26 N0S C . -8.98 -4.09 1.66
C31 N0S C . -9.28 -2.70 1.11
S1 N0S C . -8.57 -5.29 0.36
O3 N0S C . -7.36 -4.84 -0.40
O4 N0S C . -9.74 -5.53 -0.55
N2 N0S C . -8.20 -6.67 1.12
C17 N0S C . -9.08 -7.29 1.90
O2 N0S C . -10.20 -6.88 2.17
C18 N0S D . -12.79 10.91 -3.49
C12 N0S D . -13.05 10.90 -5.00
C11 N0S D . -12.54 12.18 -5.60
C10 N0S D . -11.10 12.40 -5.21
C16 N0S D . -10.34 13.26 -5.99
C15 N0S D . -9.02 13.52 -5.68
CL1 N0S D . -8.06 14.58 -6.65
C14 N0S D . -8.40 12.91 -4.60
C13 N0S D . -9.15 12.06 -3.81
C19 N0S D . -10.49 11.80 -4.09
C8 N0S D . -11.29 10.84 -3.17
C7 N0S D . -10.77 9.38 -3.33
C9 N0S D . -11.10 11.27 -1.70
O1 N0S D . -9.90 10.73 -1.12
C2 N0S D . -10.08 9.49 -0.58
C3 N0S D . -9.37 9.36 0.61
C4 N0S D . -9.45 8.18 1.32
C5 N0S D . -10.22 7.13 0.82
C6 N0S D . -10.88 7.26 -0.39
C1 N0S D . -10.81 8.43 -1.14
N1 N0S D . -11.48 8.54 -2.33
C20 N0S D . -12.12 7.33 -2.92
C21 N0S D . -11.22 6.17 -3.37
C28 N0S D . -10.68 6.36 -4.80
C29 N0S D . -11.07 4.90 -5.07
C22 N0S D . -12.12 5.07 -3.97
C27 N0S D . -12.38 3.83 -3.08
O5 N0S D . -13.21 2.91 -3.83
C23 N0S D . -11.15 3.05 -2.66
C24 N0S D . -10.79 2.96 -1.33
C25 N0S D . -9.70 2.15 -0.98
C30 N0S D . -8.92 2.73 0.19
C26 N0S D . -9.65 2.62 1.54
C31 N0S D . -9.52 1.23 2.16
S1 N0S D . -9.02 3.90 2.67
O3 N0S D . -7.57 3.67 2.99
O4 N0S D . -9.81 3.94 3.92
N2 N0S D . -9.12 5.33 1.93
C17 N0S D . -10.30 5.79 1.53
O2 N0S D . -11.38 5.22 1.65
#